data_3LES
#
_entry.id   3LES
#
_cell.length_a   37.257
_cell.length_b   49.987
_cell.length_c   57.567
_cell.angle_alpha   78.03
_cell.angle_beta   89.83
_cell.angle_gamma   87.57
#
_symmetry.space_group_name_H-M   'P 1'
#
loop_
_entity.id
_entity.type
_entity.pdbx_description
1 polymer 'RNA polymerase sigma factor'
2 non-polymer 'SULFATE ION'
3 water water
#
_entity_poly.entity_id   1
_entity_poly.type   'polypeptide(L)'
_entity_poly.pdbx_seq_one_letter_code
;SDPVRQYLHEIGEVLELDKWAELGAAAKVEEGMEAIKKLSEATGLDQELIREVVRAKILGTAAIQKIPGLKEKPDPKTVE
EVDGKLKSLPKELKRYLHIAREGEAARQHLIEANLRLVVSIAKKYTGRGLSFLDLIQEGNQGLIRAVEKFEYKRGFAFST
YATWWIRQAINRAIADQAR
;
_entity_poly.pdbx_strand_id   A,B
#
loop_
_chem_comp.id
_chem_comp.type
_chem_comp.name
_chem_comp.formula
SO4 non-polymer 'SULFATE ION' 'O4 S -2'
#
# COMPACT_ATOMS: atom_id res chain seq x y z
N SER A 1 -38.58 10.26 2.81
CA SER A 1 -37.81 9.84 1.63
C SER A 1 -36.63 9.02 2.12
N ASP A 2 -36.26 7.99 1.36
CA ASP A 2 -35.20 7.08 1.80
C ASP A 2 -34.14 7.81 2.62
N PRO A 3 -34.03 7.45 3.91
CA PRO A 3 -33.08 8.07 4.84
C PRO A 3 -31.69 8.33 4.25
N VAL A 4 -31.19 7.41 3.42
CA VAL A 4 -29.86 7.58 2.82
C VAL A 4 -29.82 8.71 1.81
N ARG A 5 -30.92 8.88 1.08
CA ARG A 5 -31.04 10.01 0.14
C ARG A 5 -31.02 11.32 0.91
N GLN A 6 -31.59 11.30 2.12
CA GLN A 6 -31.61 12.46 3.00
C GLN A 6 -30.19 12.85 3.40
N TYR A 7 -29.42 11.86 3.85
CA TYR A 7 -28.06 12.09 4.30
C TYR A 7 -27.18 12.62 3.18
N LEU A 8 -27.29 12.02 2.00
CA LEU A 8 -26.53 12.46 0.85
C LEU A 8 -26.82 13.93 0.53
N HIS A 9 -28.06 14.33 0.72
CA HIS A 9 -28.44 15.73 0.55
C HIS A 9 -27.76 16.62 1.59
N GLU A 10 -27.91 16.25 2.86
CA GLU A 10 -27.41 17.04 3.97
C GLU A 10 -25.92 17.36 3.91
N ILE A 11 -25.12 16.38 3.47
CA ILE A 11 -23.69 16.57 3.37
C ILE A 11 -23.30 17.26 2.07
N GLY A 12 -24.26 17.34 1.15
CA GLY A 12 -24.05 18.04 -0.11
C GLY A 12 -23.91 19.53 0.12
N GLU A 13 -24.58 20.03 1.16
CA GLU A 13 -24.61 21.46 1.47
C GLU A 13 -23.42 21.90 2.32
N VAL A 14 -22.61 20.93 2.75
CA VAL A 14 -21.47 21.21 3.62
C VAL A 14 -20.30 21.79 2.83
N LEU A 15 -19.76 22.89 3.35
CA LEU A 15 -18.66 23.59 2.68
C LEU A 15 -17.32 22.88 2.87
N GLU A 16 -16.66 22.57 1.75
CA GLU A 16 -15.32 21.98 1.79
C GLU A 16 -14.33 23.01 2.31
N LEU A 17 -13.29 22.54 3.00
CA LEU A 17 -12.31 23.44 3.62
C LEU A 17 -10.93 23.31 2.98
N ASP A 18 -10.09 24.33 3.14
CA ASP A 18 -8.75 24.34 2.53
C ASP A 18 -7.71 23.63 3.37
N LYS A 19 -6.49 23.51 2.85
CA LYS A 19 -5.40 22.84 3.54
C LYS A 19 -5.21 23.28 5.00
N TRP A 20 -4.70 24.49 5.22
CA TRP A 20 -4.40 24.96 6.57
C TRP A 20 -5.64 24.96 7.47
N ALA A 21 -6.82 25.15 6.88
CA ALA A 21 -8.05 25.21 7.68
C ALA A 21 -8.28 23.90 8.42
N GLU A 22 -7.94 22.79 7.78
CA GLU A 22 -8.11 21.48 8.39
C GLU A 22 -7.04 21.22 9.45
N LEU A 23 -5.86 21.79 9.26
CA LEU A 23 -4.79 21.70 10.25
C LEU A 23 -5.03 22.67 11.39
N GLY A 24 -5.74 23.77 11.09
CA GLY A 24 -6.12 24.72 12.10
C GLY A 24 -7.20 24.13 13.00
N ALA A 25 -7.89 23.12 12.48
CA ALA A 25 -8.93 22.43 13.26
C ALA A 25 -8.32 21.31 14.10
N ALA A 26 -7.29 20.66 13.56
CA ALA A 26 -6.56 19.61 14.27
C ALA A 26 -5.78 20.17 15.46
N ALA A 27 -5.08 21.28 15.23
CA ALA A 27 -4.35 21.93 16.31
C ALA A 27 -5.27 22.42 17.41
N LYS A 28 -6.51 22.74 17.04
CA LYS A 28 -7.50 23.22 18.00
C LYS A 28 -8.11 22.03 18.74
N VAL A 29 -8.15 20.89 18.07
CA VAL A 29 -8.70 19.68 18.64
C VAL A 29 -7.79 19.14 19.74
N GLU A 30 -6.49 19.14 19.50
CA GLU A 30 -5.54 18.68 20.51
C GLU A 30 -5.46 19.65 21.68
N GLU A 31 -5.54 20.94 21.38
CA GLU A 31 -5.58 21.95 22.43
C GLU A 31 -6.83 21.77 23.29
N GLY A 32 -7.86 21.16 22.72
CA GLY A 32 -9.09 20.90 23.45
C GLY A 32 -8.98 19.64 24.29
N MET A 33 -8.15 18.70 23.83
CA MET A 33 -7.91 17.46 24.56
C MET A 33 -6.81 17.66 25.61
N GLU A 34 -5.97 18.66 25.40
CA GLU A 34 -5.02 19.06 26.42
C GLU A 34 -5.81 19.67 27.56
N ALA A 35 -6.96 20.25 27.24
CA ALA A 35 -7.81 20.93 28.21
C ALA A 35 -8.72 19.94 28.94
N ILE A 36 -9.11 18.87 28.26
CA ILE A 36 -9.86 17.81 28.91
C ILE A 36 -9.00 17.18 29.98
N LYS A 37 -7.79 16.78 29.60
CA LYS A 37 -6.87 16.14 30.53
C LYS A 37 -6.83 16.91 31.84
N LYS A 38 -6.86 18.24 31.73
CA LYS A 38 -6.86 19.09 32.90
C LYS A 38 -8.21 19.05 33.63
N LEU A 39 -9.29 19.27 32.90
CA LEU A 39 -10.63 19.18 33.47
C LEU A 39 -10.82 17.84 34.19
N SER A 40 -10.16 16.80 33.67
CA SER A 40 -10.13 15.49 34.28
C SER A 40 -9.36 15.55 35.59
N GLU A 41 -8.10 15.98 35.51
CA GLU A 41 -7.22 16.07 36.68
C GLU A 41 -7.84 16.86 37.82
N ALA A 42 -8.84 17.67 37.52
CA ALA A 42 -9.54 18.44 38.54
C ALA A 42 -10.82 17.73 39.00
N THR A 43 -11.85 17.82 38.17
CA THR A 43 -13.15 17.25 38.48
C THR A 43 -13.07 15.79 38.96
N GLY A 44 -12.03 15.09 38.51
CA GLY A 44 -11.81 13.70 38.88
C GLY A 44 -12.44 12.71 37.94
N LEU A 45 -13.04 13.21 36.86
CA LEU A 45 -13.73 12.34 35.92
C LEU A 45 -12.81 11.71 34.88
N ASP A 46 -13.26 10.60 34.32
CA ASP A 46 -12.57 9.94 33.22
C ASP A 46 -12.48 10.89 32.03
N GLN A 47 -11.30 10.99 31.44
CA GLN A 47 -11.10 11.85 30.27
C GLN A 47 -12.22 11.66 29.26
N GLU A 48 -12.37 10.43 28.77
CA GLU A 48 -13.36 10.14 27.75
C GLU A 48 -14.77 10.54 28.18
N LEU A 49 -15.09 10.35 29.45
CA LEU A 49 -16.39 10.73 29.98
C LEU A 49 -16.62 12.22 29.78
N ILE A 50 -15.57 13.01 29.94
CA ILE A 50 -15.65 14.45 29.75
C ILE A 50 -15.77 14.78 28.26
N ARG A 51 -15.00 14.10 27.43
CA ARG A 51 -15.02 14.29 25.98
C ARG A 51 -16.43 14.14 25.44
N GLU A 52 -17.05 12.97 25.67
CA GLU A 52 -18.39 12.65 25.17
C GLU A 52 -19.47 13.63 25.63
N VAL A 53 -19.26 14.25 26.79
CA VAL A 53 -20.23 15.18 27.34
C VAL A 53 -20.09 16.56 26.69
N VAL A 54 -18.84 16.95 26.46
CA VAL A 54 -18.53 18.19 25.76
C VAL A 54 -19.02 18.07 24.32
N ARG A 55 -18.59 17.00 23.65
CA ARG A 55 -19.09 16.68 22.32
C ARG A 55 -20.61 16.71 22.33
N ALA A 56 -21.20 16.22 23.41
CA ALA A 56 -22.66 16.22 23.55
C ALA A 56 -23.25 17.61 23.37
N LYS A 57 -22.60 18.61 23.98
CA LYS A 57 -23.09 19.98 23.91
C LYS A 57 -22.91 20.56 22.51
N ILE A 58 -21.68 20.52 22.00
CA ILE A 58 -21.36 20.98 20.66
C ILE A 58 -22.28 20.35 19.63
N LEU A 59 -22.30 19.02 19.59
CA LEU A 59 -23.21 18.31 18.69
C LEU A 59 -24.62 18.86 18.77
N GLY A 60 -24.94 19.44 19.92
CA GLY A 60 -26.24 20.08 20.10
C GLY A 60 -26.63 21.01 18.97
N THR A 61 -25.67 21.77 18.43
CA THR A 61 -25.97 22.76 17.39
C THR A 61 -25.25 22.52 16.05
N ALA A 62 -24.86 21.29 15.77
CA ALA A 62 -24.21 20.97 14.51
C ALA A 62 -25.22 20.83 13.38
N ALA A 63 -24.77 21.10 12.16
CA ALA A 63 -25.62 20.97 10.99
C ALA A 63 -25.95 19.51 10.75
N ILE A 64 -24.99 18.63 11.03
CA ILE A 64 -25.16 17.20 10.88
C ILE A 64 -24.91 16.49 12.22
N GLN A 65 -25.98 15.98 12.83
CA GLN A 65 -25.86 15.35 14.13
C GLN A 65 -25.93 13.83 14.05
N LYS A 66 -26.83 13.32 13.20
CA LYS A 66 -26.92 11.88 12.99
C LYS A 66 -25.98 11.46 11.86
N ILE A 67 -24.77 11.07 12.23
CA ILE A 67 -23.78 10.58 11.29
C ILE A 67 -23.70 9.05 11.34
N PRO A 68 -23.94 8.40 10.19
CA PRO A 68 -23.90 6.93 10.07
C PRO A 68 -22.56 6.30 10.45
N GLY A 69 -22.61 5.38 11.40
CA GLY A 69 -21.43 4.67 11.84
C GLY A 69 -20.96 5.16 13.19
N LEU A 70 -21.60 6.22 13.67
CA LEU A 70 -21.20 6.87 14.92
C LEU A 70 -22.25 6.74 16.01
N LYS A 71 -21.81 6.32 17.20
CA LYS A 71 -22.69 6.14 18.36
C LYS A 71 -23.00 7.47 19.08
N GLU A 72 -23.99 8.18 18.56
CA GLU A 72 -24.33 9.52 19.09
C GLU A 72 -25.13 9.49 20.39
N LYS A 73 -25.13 10.63 21.08
CA LYS A 73 -25.96 10.85 22.26
C LYS A 73 -25.66 9.93 23.44
N PRO A 74 -24.71 10.32 24.30
CA PRO A 74 -24.54 9.64 25.59
C PRO A 74 -25.78 9.88 26.45
N ASP A 75 -25.93 9.12 27.53
CA ASP A 75 -27.08 9.25 28.43
C ASP A 75 -27.38 10.72 28.72
N PRO A 76 -28.54 11.22 28.26
CA PRO A 76 -28.91 12.63 28.49
C PRO A 76 -28.85 12.96 29.97
N LYS A 77 -29.15 11.97 30.80
CA LYS A 77 -29.07 12.13 32.24
C LYS A 77 -27.61 12.26 32.66
N THR A 78 -26.76 11.40 32.09
CA THR A 78 -25.33 11.43 32.40
C THR A 78 -24.73 12.78 32.03
N VAL A 79 -25.22 13.36 30.94
CA VAL A 79 -24.78 14.68 30.54
C VAL A 79 -25.28 15.72 31.53
N GLU A 80 -26.57 15.64 31.87
CA GLU A 80 -27.15 16.55 32.86
C GLU A 80 -26.22 16.73 34.04
N GLU A 81 -25.79 15.62 34.63
CA GLU A 81 -24.97 15.69 35.84
C GLU A 81 -23.51 16.04 35.60
N VAL A 82 -22.94 15.59 34.49
CA VAL A 82 -21.55 15.93 34.19
C VAL A 82 -21.40 17.43 33.91
N ASP A 83 -22.42 18.04 33.33
CA ASP A 83 -22.46 19.48 33.16
C ASP A 83 -22.26 20.14 34.52
N GLY A 84 -22.96 19.63 35.53
CA GLY A 84 -22.90 20.17 36.87
C GLY A 84 -21.52 20.16 37.48
N LYS A 85 -20.94 18.97 37.62
CA LYS A 85 -19.62 18.81 38.23
C LYS A 85 -18.54 19.57 37.42
N LEU A 86 -18.96 20.13 36.29
CA LEU A 86 -18.08 20.95 35.45
C LEU A 86 -18.37 22.43 35.65
N LYS A 87 -19.55 22.85 35.20
CA LYS A 87 -19.95 24.26 35.21
C LYS A 87 -20.03 24.83 36.62
N SER A 88 -19.45 24.11 37.58
CA SER A 88 -19.30 24.60 38.94
C SER A 88 -17.84 24.46 39.32
N LEU A 89 -16.96 25.09 38.55
CA LEU A 89 -15.52 24.98 38.76
C LEU A 89 -14.89 26.33 39.06
N PRO A 90 -13.65 26.31 39.59
CA PRO A 90 -12.90 27.53 39.93
C PRO A 90 -12.90 28.57 38.83
N LYS A 91 -12.60 29.81 39.21
CA LYS A 91 -12.42 30.88 38.23
C LYS A 91 -11.48 30.41 37.12
N GLU A 92 -10.28 29.98 37.52
CA GLU A 92 -9.23 29.59 36.58
C GLU A 92 -9.60 28.40 35.69
N LEU A 93 -10.42 27.50 36.21
CA LEU A 93 -10.72 26.25 35.52
C LEU A 93 -11.77 26.39 34.42
N LYS A 94 -12.67 27.36 34.56
CA LYS A 94 -13.68 27.58 33.52
C LYS A 94 -13.03 27.83 32.17
N ARG A 95 -11.80 28.36 32.18
CA ARG A 95 -11.08 28.68 30.95
C ARG A 95 -10.84 27.45 30.09
N TYR A 96 -10.33 26.39 30.69
CA TYR A 96 -10.01 25.16 29.96
C TYR A 96 -11.29 24.46 29.49
N LEU A 97 -12.44 24.99 29.91
CA LEU A 97 -13.74 24.44 29.48
C LEU A 97 -14.16 25.00 28.13
N HIS A 98 -13.85 26.27 27.90
CA HIS A 98 -14.10 26.87 26.61
C HIS A 98 -13.17 26.24 25.58
N ILE A 99 -11.90 26.11 25.92
CA ILE A 99 -10.92 25.44 25.06
C ILE A 99 -11.30 23.98 24.80
N ALA A 100 -11.89 23.32 25.79
CA ALA A 100 -12.37 21.97 25.61
C ALA A 100 -13.40 21.96 24.50
N ARG A 101 -14.31 22.93 24.56
CA ARG A 101 -15.39 23.04 23.58
C ARG A 101 -14.90 23.41 22.19
N GLU A 102 -14.07 24.44 22.10
CA GLU A 102 -13.52 24.88 20.81
C GLU A 102 -12.80 23.76 20.08
N GLY A 103 -12.19 22.85 20.85
CA GLY A 103 -11.48 21.72 20.27
C GLY A 103 -12.43 20.61 19.86
N GLU A 104 -13.66 20.69 20.36
CA GLU A 104 -14.66 19.67 20.06
C GLU A 104 -15.54 20.13 18.91
N ALA A 105 -15.83 21.42 18.89
CA ALA A 105 -16.55 22.03 17.77
C ALA A 105 -15.67 21.91 16.54
N ALA A 106 -14.37 22.16 16.73
CA ALA A 106 -13.39 21.98 15.67
C ALA A 106 -13.43 20.55 15.12
N ARG A 107 -13.38 19.56 16.02
CA ARG A 107 -13.46 18.15 15.61
C ARG A 107 -14.73 17.87 14.80
N GLN A 108 -15.82 18.53 15.12
CA GLN A 108 -17.07 18.30 14.39
C GLN A 108 -17.02 18.92 13.00
N HIS A 109 -16.55 20.16 12.93
CA HIS A 109 -16.38 20.81 11.64
C HIS A 109 -15.39 20.03 10.76
N LEU A 110 -14.34 19.52 11.39
CA LEU A 110 -13.34 18.71 10.69
C LEU A 110 -13.92 17.39 10.18
N ILE A 111 -14.94 16.89 10.88
CA ILE A 111 -15.63 15.67 10.46
C ILE A 111 -16.63 16.01 9.37
N GLU A 112 -17.52 16.96 9.64
CA GLU A 112 -18.54 17.35 8.68
C GLU A 112 -17.94 17.65 7.30
N ALA A 113 -16.81 18.34 7.29
CA ALA A 113 -16.19 18.74 6.03
C ALA A 113 -15.82 17.53 5.18
N ASN A 114 -15.38 16.46 5.82
CA ASN A 114 -14.89 15.30 5.09
C ASN A 114 -15.88 14.15 4.98
N LEU A 115 -17.17 14.44 5.15
CA LEU A 115 -18.20 13.40 4.97
C LEU A 115 -18.42 13.05 3.49
N ARG A 116 -18.26 14.03 2.60
CA ARG A 116 -18.40 13.79 1.17
C ARG A 116 -17.19 13.06 0.61
N LEU A 117 -16.00 13.45 1.05
CA LEU A 117 -14.78 12.71 0.74
C LEU A 117 -15.00 11.23 1.02
N VAL A 118 -15.90 10.92 1.96
CA VAL A 118 -16.20 9.54 2.35
C VAL A 118 -17.23 8.90 1.41
N VAL A 119 -18.29 9.64 1.10
CA VAL A 119 -19.29 9.14 0.15
C VAL A 119 -18.65 8.81 -1.20
N SER A 120 -17.67 9.60 -1.60
CA SER A 120 -16.99 9.38 -2.87
C SER A 120 -16.14 8.11 -2.85
N ILE A 121 -15.36 7.94 -1.79
CA ILE A 121 -14.50 6.76 -1.70
C ILE A 121 -15.33 5.49 -1.69
N ALA A 122 -16.42 5.50 -0.91
CA ALA A 122 -17.33 4.36 -0.82
C ALA A 122 -18.00 4.07 -2.16
N LYS A 123 -18.16 5.10 -2.97
CA LYS A 123 -18.74 4.94 -4.31
C LYS A 123 -17.90 4.02 -5.18
N LYS A 124 -16.69 3.69 -4.73
CA LYS A 124 -15.77 2.87 -5.51
C LYS A 124 -15.61 1.47 -4.93
N TYR A 125 -16.52 1.08 -4.04
CA TYR A 125 -16.46 -0.22 -3.41
C TYR A 125 -17.81 -0.93 -3.46
N THR A 126 -18.77 -0.31 -4.14
CA THR A 126 -20.10 -0.89 -4.32
C THR A 126 -20.04 -2.16 -5.18
N GLY A 127 -21.14 -2.91 -5.17
CA GLY A 127 -21.22 -4.16 -5.91
C GLY A 127 -20.25 -5.23 -5.43
N ARG A 128 -19.78 -5.11 -4.19
CA ARG A 128 -18.86 -6.08 -3.60
C ARG A 128 -19.49 -6.77 -2.40
N GLY A 129 -20.82 -6.80 -2.35
CA GLY A 129 -21.53 -7.49 -1.29
C GLY A 129 -22.11 -6.54 -0.27
N LEU A 130 -21.42 -5.42 -0.08
CA LEU A 130 -21.86 -4.41 0.89
C LEU A 130 -22.63 -3.27 0.23
N SER A 131 -23.79 -2.96 0.80
CA SER A 131 -24.63 -1.88 0.30
C SER A 131 -23.95 -0.53 0.52
N PHE A 132 -24.38 0.47 -0.26
CA PHE A 132 -23.83 1.82 -0.16
C PHE A 132 -23.76 2.29 1.29
N LEU A 133 -24.87 2.16 1.99
CA LEU A 133 -24.95 2.59 3.39
C LEU A 133 -23.90 1.93 4.28
N ASP A 134 -23.80 0.60 4.22
CA ASP A 134 -22.82 -0.14 5.00
C ASP A 134 -21.40 0.36 4.77
N LEU A 135 -21.12 0.80 3.54
CA LEU A 135 -19.80 1.30 3.21
C LEU A 135 -19.57 2.67 3.87
N ILE A 136 -20.59 3.52 3.79
CA ILE A 136 -20.55 4.84 4.41
C ILE A 136 -20.28 4.73 5.91
N GLN A 137 -20.87 3.73 6.54
CA GLN A 137 -20.72 3.53 7.97
C GLN A 137 -19.30 3.08 8.32
N GLU A 138 -18.68 2.32 7.43
CA GLU A 138 -17.30 1.86 7.64
C GLU A 138 -16.33 2.98 7.29
N GLY A 139 -16.65 3.75 6.26
CA GLY A 139 -15.85 4.90 5.90
C GLY A 139 -15.83 5.94 7.00
N ASN A 140 -17.01 6.30 7.51
CA ASN A 140 -17.13 7.31 8.55
C ASN A 140 -16.30 6.97 9.78
N GLN A 141 -16.35 5.71 10.20
CA GLN A 141 -15.55 5.26 11.33
C GLN A 141 -14.08 5.29 10.94
N GLY A 142 -13.80 5.12 9.66
CA GLY A 142 -12.46 5.32 9.14
C GLY A 142 -12.05 6.79 9.21
N LEU A 143 -13.03 7.68 9.04
CA LEU A 143 -12.78 9.11 9.16
C LEU A 143 -12.57 9.50 10.62
N ILE A 144 -13.33 8.87 11.52
CA ILE A 144 -13.17 9.08 12.94
C ILE A 144 -11.78 8.68 13.40
N ARG A 145 -11.36 7.46 13.06
CA ARG A 145 -10.01 7.01 13.41
C ARG A 145 -8.95 7.96 12.88
N ALA A 146 -9.25 8.63 11.76
CA ALA A 146 -8.29 9.52 11.11
C ALA A 146 -8.10 10.82 11.88
N VAL A 147 -9.21 11.51 12.17
CA VAL A 147 -9.16 12.74 12.95
C VAL A 147 -8.47 12.53 14.29
N GLU A 148 -8.59 11.32 14.83
CA GLU A 148 -8.00 11.00 16.13
C GLU A 148 -6.49 10.76 16.09
N LYS A 149 -6.04 9.94 15.13
CA LYS A 149 -4.62 9.58 15.06
C LYS A 149 -3.76 10.63 14.36
N PHE A 150 -4.37 11.73 13.95
CA PHE A 150 -3.66 12.75 13.17
C PHE A 150 -2.75 13.64 14.01
N GLU A 151 -1.57 13.92 13.46
CA GLU A 151 -0.61 14.83 14.09
C GLU A 151 -0.57 16.19 13.41
N TYR A 152 -1.29 17.14 13.99
CA TYR A 152 -1.36 18.50 13.44
C TYR A 152 0.01 19.14 13.41
N LYS A 153 0.92 18.63 14.25
CA LYS A 153 2.24 19.22 14.42
C LYS A 153 3.18 18.97 13.24
N ARG A 154 2.62 18.55 12.09
CA ARG A 154 3.44 18.37 10.90
C ARG A 154 2.78 18.85 9.61
N GLY A 155 3.60 19.31 8.67
CA GLY A 155 3.15 19.89 7.43
C GLY A 155 2.57 18.92 6.41
N PHE A 156 1.63 18.10 6.85
CA PHE A 156 0.94 17.19 5.95
C PHE A 156 -0.54 17.53 5.87
N ALA A 157 -1.17 17.20 4.74
CA ALA A 157 -2.57 17.52 4.51
C ALA A 157 -3.48 16.50 5.21
N PHE A 158 -4.63 16.96 5.70
CA PHE A 158 -5.56 16.04 6.34
C PHE A 158 -6.32 15.17 5.34
N SER A 159 -6.73 15.78 4.23
CA SER A 159 -7.50 15.08 3.21
C SER A 159 -6.77 13.85 2.68
N THR A 160 -5.45 13.96 2.60
CA THR A 160 -4.63 12.86 2.10
C THR A 160 -4.54 11.72 3.13
N TYR A 161 -4.13 12.07 4.34
CA TYR A 161 -4.10 11.14 5.46
C TYR A 161 -5.44 10.42 5.58
N ALA A 162 -6.48 11.20 5.85
CA ALA A 162 -7.84 10.69 6.02
C ALA A 162 -8.23 9.66 4.98
N THR A 163 -7.93 9.95 3.71
CA THR A 163 -8.28 9.04 2.63
C THR A 163 -7.84 7.62 2.96
N TRP A 164 -6.59 7.46 3.36
CA TRP A 164 -6.06 6.14 3.69
C TRP A 164 -6.95 5.41 4.69
N TRP A 165 -7.25 6.06 5.80
CA TRP A 165 -8.04 5.44 6.87
C TRP A 165 -9.43 5.02 6.41
N ILE A 166 -10.11 5.94 5.74
CA ILE A 166 -11.40 5.67 5.13
C ILE A 166 -11.28 4.45 4.22
N ARG A 167 -10.20 4.44 3.45
CA ARG A 167 -9.91 3.36 2.50
C ARG A 167 -9.86 1.99 3.16
N GLN A 168 -8.77 1.72 3.88
CA GLN A 168 -8.54 0.40 4.46
C GLN A 168 -9.57 0.02 5.53
N ALA A 169 -10.37 0.98 5.97
CA ALA A 169 -11.47 0.69 6.89
C ALA A 169 -12.63 0.06 6.11
N ILE A 170 -12.88 0.62 4.93
CA ILE A 170 -13.89 0.08 4.02
C ILE A 170 -13.50 -1.31 3.54
N ASN A 171 -12.29 -1.45 2.99
CA ASN A 171 -11.84 -2.74 2.47
C ASN A 171 -11.38 -3.73 3.57
N ARG A 172 -11.45 -3.30 4.82
CA ARG A 172 -11.28 -4.21 5.95
C ARG A 172 -12.66 -4.75 6.30
N ALA A 173 -13.68 -3.93 6.02
CA ALA A 173 -15.05 -4.30 6.31
C ALA A 173 -15.59 -5.28 5.30
N ILE A 174 -15.09 -5.19 4.06
CA ILE A 174 -15.45 -6.13 3.01
C ILE A 174 -14.43 -7.27 2.97
N ALA A 175 -13.49 -7.24 3.89
CA ALA A 175 -12.55 -8.34 4.06
C ALA A 175 -12.94 -9.12 5.30
N ASP A 176 -14.04 -8.72 5.93
CA ASP A 176 -14.52 -9.38 7.14
C ASP A 176 -15.64 -10.34 6.82
N GLN A 177 -15.59 -10.90 5.62
CA GLN A 177 -16.50 -11.96 5.22
C GLN A 177 -15.78 -12.93 4.29
N ALA A 178 -14.55 -12.58 3.90
CA ALA A 178 -14.06 -13.11 2.63
C ALA A 178 -12.60 -13.57 2.56
N ARG A 179 -11.66 -12.61 2.54
CA ARG A 179 -10.24 -12.88 2.30
C ARG A 179 -9.92 -14.32 1.94
N SER B 1 39.75 -21.14 -7.85
CA SER B 1 39.14 -22.39 -7.44
C SER B 1 38.07 -22.76 -8.45
N ASP B 2 37.90 -24.06 -8.72
CA ASP B 2 36.97 -24.47 -9.78
C ASP B 2 35.76 -23.56 -9.84
N PRO B 3 35.61 -22.85 -10.97
CA PRO B 3 34.52 -21.89 -11.19
C PRO B 3 33.15 -22.37 -10.71
N VAL B 4 32.85 -23.67 -10.87
CA VAL B 4 31.56 -24.21 -10.44
C VAL B 4 31.42 -24.23 -8.92
N ARG B 5 32.52 -24.49 -8.23
CA ARG B 5 32.54 -24.45 -6.77
C ARG B 5 32.26 -23.01 -6.30
N GLN B 6 32.77 -22.05 -7.07
CA GLN B 6 32.54 -20.63 -6.80
C GLN B 6 31.05 -20.32 -6.86
N TYR B 7 30.42 -20.74 -7.95
CA TYR B 7 29.01 -20.46 -8.19
C TYR B 7 28.12 -21.08 -7.11
N LEU B 8 28.41 -22.33 -6.77
CA LEU B 8 27.67 -23.01 -5.72
C LEU B 8 27.76 -22.26 -4.39
N HIS B 9 28.92 -21.65 -4.13
CA HIS B 9 29.08 -20.82 -2.96
C HIS B 9 28.20 -19.57 -3.03
N GLU B 10 28.32 -18.84 -4.13
CA GLU B 10 27.63 -17.57 -4.32
C GLU B 10 26.11 -17.65 -4.15
N ILE B 11 25.51 -18.72 -4.64
CA ILE B 11 24.07 -18.90 -4.52
C ILE B 11 23.69 -19.48 -3.16
N GLY B 12 24.68 -19.95 -2.43
CA GLY B 12 24.46 -20.47 -1.10
C GLY B 12 24.07 -19.36 -0.14
N GLU B 13 24.59 -18.16 -0.40
CA GLU B 13 24.36 -17.00 0.45
C GLU B 13 23.06 -16.26 0.13
N VAL B 14 22.39 -16.69 -0.93
CA VAL B 14 21.17 -16.03 -1.38
C VAL B 14 19.99 -16.40 -0.50
N LEU B 15 19.25 -15.40 -0.07
CA LEU B 15 18.11 -15.61 0.82
C LEU B 15 16.88 -16.13 0.09
N GLU B 16 16.35 -17.26 0.55
CA GLU B 16 15.12 -17.82 -0.01
C GLU B 16 13.94 -16.91 0.35
N LEU B 17 12.93 -16.85 -0.53
CA LEU B 17 11.79 -15.97 -0.33
C LEU B 17 10.50 -16.74 -0.10
N ASP B 18 9.50 -16.08 0.50
CA ASP B 18 8.23 -16.74 0.82
C ASP B 18 7.25 -16.74 -0.35
N LYS B 19 6.09 -17.37 -0.15
CA LYS B 19 5.06 -17.48 -1.19
C LYS B 19 4.72 -16.14 -1.85
N TRP B 20 4.00 -15.27 -1.13
CA TRP B 20 3.56 -14.01 -1.71
C TRP B 20 4.71 -13.14 -2.22
N ALA B 21 5.89 -13.27 -1.60
CA ALA B 21 7.03 -12.47 -2.01
C ALA B 21 7.41 -12.72 -3.46
N GLU B 22 7.29 -13.98 -3.89
CA GLU B 22 7.62 -14.35 -5.25
C GLU B 22 6.54 -13.89 -6.22
N LEU B 23 5.30 -13.84 -5.74
CA LEU B 23 4.18 -13.33 -6.53
C LEU B 23 4.20 -11.80 -6.54
N GLY B 24 4.75 -11.22 -5.49
CA GLY B 24 4.92 -9.78 -5.44
C GLY B 24 5.99 -9.33 -6.42
N ALA B 25 6.87 -10.27 -6.79
CA ALA B 25 7.93 -9.98 -7.74
C ALA B 25 7.44 -10.16 -9.17
N ALA B 26 6.57 -11.15 -9.36
CA ALA B 26 5.97 -11.42 -10.65
C ALA B 26 5.02 -10.29 -11.08
N ALA B 27 4.19 -9.84 -10.16
CA ALA B 27 3.28 -8.73 -10.43
C ALA B 27 4.04 -7.45 -10.72
N LYS B 28 5.24 -7.34 -10.14
CA LYS B 28 6.08 -6.16 -10.36
C LYS B 28 6.80 -6.29 -11.72
N VAL B 29 7.06 -7.54 -12.11
CA VAL B 29 7.75 -7.82 -13.37
C VAL B 29 6.87 -7.48 -14.56
N GLU B 30 5.60 -7.86 -14.49
CA GLU B 30 4.66 -7.54 -15.57
C GLU B 30 4.35 -6.05 -15.62
N GLU B 31 4.25 -5.42 -14.45
CA GLU B 31 4.06 -3.97 -14.41
C GLU B 31 5.26 -3.27 -15.04
N GLY B 32 6.40 -3.94 -15.05
CA GLY B 32 7.61 -3.39 -15.62
C GLY B 32 7.64 -3.59 -17.13
N MET B 33 6.99 -4.67 -17.58
CA MET B 33 6.89 -4.95 -19.01
C MET B 33 5.70 -4.23 -19.62
N GLU B 34 4.74 -3.86 -18.79
CA GLU B 34 3.67 -2.98 -19.23
C GLU B 34 4.28 -1.61 -19.49
N ALA B 35 5.36 -1.31 -18.77
CA ALA B 35 6.02 -0.01 -18.86
C ALA B 35 7.02 0.04 -20.00
N ILE B 36 7.62 -1.10 -20.33
CA ILE B 36 8.48 -1.20 -21.50
C ILE B 36 7.66 -0.94 -22.75
N LYS B 37 6.55 -1.67 -22.88
CA LYS B 37 5.66 -1.53 -24.03
C LYS B 37 5.41 -0.06 -24.32
N LYS B 38 5.25 0.73 -23.27
CA LYS B 38 5.02 2.16 -23.42
C LYS B 38 6.31 2.88 -23.83
N LEU B 39 7.40 2.63 -23.11
CA LEU B 39 8.69 3.21 -23.47
C LEU B 39 9.03 2.89 -24.93
N SER B 40 8.58 1.73 -25.39
CA SER B 40 8.71 1.32 -26.78
C SER B 40 7.84 2.22 -27.66
N GLU B 41 6.55 2.26 -27.37
CA GLU B 41 5.59 3.05 -28.13
C GLU B 41 5.99 4.52 -28.27
N ALA B 42 6.87 4.98 -27.39
CA ALA B 42 7.38 6.34 -27.46
C ALA B 42 8.71 6.40 -28.20
N THR B 43 9.78 6.02 -27.51
CA THR B 43 11.13 6.06 -28.05
C THR B 43 11.22 5.46 -29.45
N GLY B 44 10.34 4.51 -29.75
CA GLY B 44 10.31 3.86 -31.05
C GLY B 44 11.15 2.59 -31.13
N LEU B 45 11.73 2.21 -30.00
CA LEU B 45 12.61 1.05 -29.97
C LEU B 45 11.88 -0.26 -29.79
N ASP B 46 12.53 -1.35 -30.22
CA ASP B 46 12.02 -2.69 -30.04
C ASP B 46 11.88 -2.98 -28.55
N GLN B 47 10.74 -3.54 -28.17
CA GLN B 47 10.50 -3.87 -26.75
C GLN B 47 11.69 -4.57 -26.14
N GLU B 48 12.06 -5.72 -26.71
CA GLU B 48 13.16 -6.51 -26.18
C GLU B 48 14.46 -5.71 -26.08
N LEU B 49 14.70 -4.85 -27.07
CA LEU B 49 15.90 -4.02 -27.03
C LEU B 49 15.91 -3.15 -25.78
N ILE B 50 14.73 -2.69 -25.37
CA ILE B 50 14.60 -1.88 -24.16
C ILE B 50 14.79 -2.74 -22.91
N ARG B 51 14.20 -3.93 -22.93
CA ARG B 51 14.29 -4.89 -21.83
C ARG B 51 15.75 -5.17 -21.49
N GLU B 52 16.51 -5.67 -22.46
CA GLU B 52 17.92 -6.03 -22.27
C GLU B 52 18.81 -4.88 -21.79
N VAL B 53 18.42 -3.65 -22.09
CA VAL B 53 19.19 -2.48 -21.69
C VAL B 53 18.88 -2.10 -20.26
N VAL B 54 17.60 -2.19 -19.91
CA VAL B 54 17.16 -1.97 -18.53
C VAL B 54 17.77 -3.04 -17.64
N ARG B 55 17.56 -4.29 -18.02
CA ARG B 55 18.19 -5.41 -17.34
C ARG B 55 19.69 -5.16 -17.23
N ALA B 56 20.27 -4.59 -18.28
CA ALA B 56 21.69 -4.27 -18.27
C ALA B 56 22.07 -3.41 -17.07
N LYS B 57 21.26 -2.39 -16.78
CA LYS B 57 21.52 -1.48 -15.66
C LYS B 57 21.36 -2.16 -14.31
N ILE B 58 20.19 -2.75 -14.10
CA ILE B 58 19.89 -3.50 -12.88
C ILE B 58 20.96 -4.54 -12.60
N LEU B 59 21.20 -5.42 -13.56
CA LEU B 59 22.25 -6.44 -13.42
C LEU B 59 23.56 -5.79 -13.00
N GLY B 60 23.71 -4.51 -13.31
CA GLY B 60 24.87 -3.75 -12.85
C GLY B 60 25.19 -3.97 -11.39
N THR B 61 24.16 -4.00 -10.53
CA THR B 61 24.39 -4.09 -9.08
C THR B 61 23.82 -5.34 -8.41
N ALA B 62 23.64 -6.41 -9.17
CA ALA B 62 23.14 -7.66 -8.62
C ALA B 62 24.25 -8.44 -7.91
N ALA B 63 23.85 -9.23 -6.91
CA ALA B 63 24.78 -10.07 -6.18
C ALA B 63 25.35 -11.13 -7.10
N ILE B 64 24.51 -11.64 -7.99
CA ILE B 64 24.90 -12.66 -8.96
C ILE B 64 24.66 -12.16 -10.38
N GLN B 65 25.75 -11.88 -11.09
CA GLN B 65 25.65 -11.34 -12.44
C GLN B 65 25.95 -12.40 -13.51
N LYS B 66 26.97 -13.21 -13.27
CA LYS B 66 27.30 -14.29 -14.19
C LYS B 66 26.52 -15.54 -13.82
N ILE B 67 25.35 -15.71 -14.43
CA ILE B 67 24.51 -16.89 -14.22
C ILE B 67 24.65 -17.85 -15.41
N PRO B 68 25.08 -19.09 -15.13
CA PRO B 68 25.29 -20.14 -16.14
C PRO B 68 24.05 -20.48 -16.97
N GLY B 69 24.18 -20.34 -18.29
CA GLY B 69 23.09 -20.67 -19.19
C GLY B 69 22.45 -19.42 -19.73
N LEU B 70 22.87 -18.27 -19.22
CA LEU B 70 22.27 -17.00 -19.59
C LEU B 70 23.25 -16.10 -20.35
N LYS B 71 22.79 -15.56 -21.48
CA LYS B 71 23.62 -14.67 -22.32
C LYS B 71 23.68 -13.23 -21.78
N GLU B 72 24.58 -13.00 -20.84
CA GLU B 72 24.68 -11.69 -20.18
C GLU B 72 25.38 -10.62 -21.01
N LYS B 73 25.16 -9.37 -20.62
CA LYS B 73 25.86 -8.21 -21.17
C LYS B 73 25.62 -7.97 -22.66
N PRO B 74 24.56 -7.21 -23.01
CA PRO B 74 24.41 -6.72 -24.38
C PRO B 74 25.53 -5.73 -24.70
N ASP B 75 25.72 -5.41 -25.97
CA ASP B 75 26.77 -4.48 -26.39
C ASP B 75 26.82 -3.25 -25.47
N PRO B 76 27.92 -3.10 -24.72
CA PRO B 76 28.06 -1.96 -23.80
C PRO B 76 27.84 -0.65 -24.55
N LYS B 77 28.23 -0.63 -25.82
CA LYS B 77 28.03 0.53 -26.66
C LYS B 77 26.54 0.71 -26.94
N THR B 78 25.87 -0.40 -27.28
CA THR B 78 24.43 -0.37 -27.54
C THR B 78 23.66 0.13 -26.32
N VAL B 79 24.15 -0.23 -25.13
CA VAL B 79 23.54 0.26 -23.91
C VAL B 79 23.79 1.75 -23.76
N GLU B 80 25.05 2.15 -23.97
CA GLU B 80 25.42 3.55 -23.90
C GLU B 80 24.39 4.41 -24.62
N GLU B 81 24.09 4.07 -25.87
CA GLU B 81 23.20 4.89 -26.68
C GLU B 81 21.71 4.72 -26.35
N VAL B 82 21.30 3.51 -25.98
CA VAL B 82 19.90 3.29 -25.62
C VAL B 82 19.54 4.04 -24.33
N ASP B 83 20.49 4.13 -23.41
CA ASP B 83 20.32 4.97 -22.23
C ASP B 83 19.93 6.38 -22.66
N GLY B 84 20.63 6.89 -23.67
CA GLY B 84 20.41 8.24 -24.15
C GLY B 84 18.99 8.47 -24.66
N LYS B 85 18.60 7.72 -25.68
CA LYS B 85 17.28 7.88 -26.28
C LYS B 85 16.17 7.61 -25.25
N LEU B 86 16.57 7.20 -24.06
CA LEU B 86 15.64 6.98 -22.96
C LEU B 86 15.68 8.12 -21.96
N LYS B 87 16.81 8.24 -21.25
CA LYS B 87 16.98 9.22 -20.20
C LYS B 87 16.88 10.66 -20.71
N SER B 88 16.36 10.81 -21.92
CA SER B 88 16.03 12.13 -22.47
C SER B 88 14.59 12.10 -22.93
N LEU B 89 13.68 11.80 -22.00
CA LEU B 89 12.27 11.66 -22.32
C LEU B 89 11.42 12.67 -21.57
N PRO B 90 10.16 12.86 -22.01
CA PRO B 90 9.22 13.79 -21.38
C PRO B 90 9.15 13.65 -19.87
N LYS B 91 8.61 14.68 -19.22
CA LYS B 91 8.34 14.63 -17.80
C LYS B 91 7.57 13.36 -17.47
N GLU B 92 6.43 13.19 -18.13
CA GLU B 92 5.52 12.08 -17.87
C GLU B 92 6.13 10.71 -18.14
N LEU B 93 7.04 10.63 -19.11
CA LEU B 93 7.57 9.34 -19.55
C LEU B 93 8.66 8.77 -18.64
N LYS B 94 9.39 9.64 -17.94
CA LYS B 94 10.43 9.18 -17.03
C LYS B 94 9.84 8.23 -15.98
N ARG B 95 8.55 8.39 -15.71
CA ARG B 95 7.88 7.59 -14.68
C ARG B 95 7.87 6.10 -15.04
N TYR B 96 7.49 5.79 -16.27
CA TYR B 96 7.43 4.39 -16.71
C TYR B 96 8.83 3.78 -16.84
N LEU B 97 9.85 4.61 -16.65
CA LEU B 97 11.23 4.14 -16.69
C LEU B 97 11.66 3.56 -15.35
N HIS B 98 11.19 4.16 -14.27
CA HIS B 98 11.44 3.63 -12.93
C HIS B 98 10.68 2.31 -12.77
N ILE B 99 9.42 2.29 -13.20
CA ILE B 99 8.62 1.07 -13.18
C ILE B 99 9.24 -0.02 -14.06
N ALA B 100 9.85 0.39 -15.17
CA ALA B 100 10.54 -0.55 -16.04
C ALA B 100 11.64 -1.23 -15.24
N ARG B 101 12.37 -0.43 -14.49
CA ARG B 101 13.50 -0.92 -13.71
C ARG B 101 13.05 -1.79 -12.53
N GLU B 102 12.06 -1.31 -11.77
CA GLU B 102 11.55 -2.05 -10.61
C GLU B 102 11.07 -3.45 -11.00
N GLY B 103 10.55 -3.57 -12.21
CA GLY B 103 10.06 -4.85 -12.71
C GLY B 103 11.19 -5.72 -13.22
N GLU B 104 12.37 -5.12 -13.40
CA GLU B 104 13.52 -5.86 -13.91
C GLU B 104 14.41 -6.28 -12.76
N ALA B 105 14.50 -5.41 -11.75
CA ALA B 105 15.19 -5.75 -10.50
C ALA B 105 14.42 -6.86 -9.83
N ALA B 106 13.10 -6.74 -9.84
CA ALA B 106 12.23 -7.81 -9.35
C ALA B 106 12.54 -9.13 -10.06
N ARG B 107 12.56 -9.12 -11.39
CA ARG B 107 12.88 -10.32 -12.16
C ARG B 107 14.24 -10.91 -11.78
N GLN B 108 15.20 -10.07 -11.40
CA GLN B 108 16.51 -10.57 -11.00
C GLN B 108 16.46 -11.22 -9.63
N HIS B 109 15.82 -10.54 -8.69
CA HIS B 109 15.64 -11.10 -7.36
C HIS B 109 14.84 -12.40 -7.41
N LEU B 110 13.86 -12.44 -8.30
CA LEU B 110 13.04 -13.64 -8.49
C LEU B 110 13.85 -14.78 -9.10
N ILE B 111 14.87 -14.43 -9.87
CA ILE B 111 15.77 -15.43 -10.44
C ILE B 111 16.78 -15.88 -9.41
N GLU B 112 17.50 -14.93 -8.84
CA GLU B 112 18.50 -15.22 -7.83
C GLU B 112 17.96 -16.16 -6.74
N ALA B 113 16.75 -15.88 -6.27
CA ALA B 113 16.16 -16.64 -5.18
C ALA B 113 16.04 -18.13 -5.53
N ASN B 114 15.74 -18.41 -6.78
CA ASN B 114 15.48 -19.79 -7.19
C ASN B 114 16.64 -20.48 -7.90
N LEU B 115 17.85 -19.97 -7.71
CA LEU B 115 19.03 -20.60 -8.29
C LEU B 115 19.41 -21.90 -7.58
N ARG B 116 19.15 -21.95 -6.28
CA ARG B 116 19.44 -23.15 -5.50
C ARG B 116 18.39 -24.23 -5.76
N LEU B 117 17.13 -23.82 -5.84
CA LEU B 117 16.06 -24.72 -6.26
C LEU B 117 16.48 -25.45 -7.54
N VAL B 118 17.35 -24.81 -8.32
CA VAL B 118 17.82 -25.37 -9.58
C VAL B 118 19.00 -26.32 -9.38
N VAL B 119 19.95 -25.93 -8.53
CA VAL B 119 21.08 -26.80 -8.22
C VAL B 119 20.60 -28.12 -7.61
N SER B 120 19.53 -28.04 -6.82
CA SER B 120 18.99 -29.22 -6.18
C SER B 120 18.36 -30.18 -7.19
N ILE B 121 17.53 -29.63 -8.08
CA ILE B 121 16.85 -30.45 -9.09
C ILE B 121 17.87 -31.14 -9.98
N ALA B 122 18.87 -30.38 -10.42
CA ALA B 122 19.94 -30.91 -11.26
C ALA B 122 20.74 -32.00 -10.54
N LYS B 123 20.80 -31.92 -9.21
CA LYS B 123 21.50 -32.93 -8.41
C LYS B 123 20.87 -34.30 -8.57
N LYS B 124 19.70 -34.35 -9.21
CA LYS B 124 18.96 -35.61 -9.36
C LYS B 124 18.99 -36.12 -10.80
N TYR B 125 19.88 -35.57 -11.61
CA TYR B 125 19.97 -35.96 -13.01
C TYR B 125 21.41 -36.25 -13.42
N THR B 126 22.31 -36.20 -12.44
CA THR B 126 23.71 -36.51 -12.65
C THR B 126 23.91 -37.98 -13.03
N GLY B 127 25.11 -38.31 -13.52
CA GLY B 127 25.41 -39.66 -13.95
C GLY B 127 24.59 -40.13 -15.14
N ARG B 128 24.02 -39.20 -15.89
CA ARG B 128 23.24 -39.53 -17.08
C ARG B 128 23.87 -39.01 -18.35
N GLY B 129 25.18 -38.79 -18.33
CA GLY B 129 25.91 -38.35 -19.50
C GLY B 129 26.27 -36.88 -19.42
N LEU B 130 25.41 -36.11 -18.75
CA LEU B 130 25.62 -34.67 -18.61
C LEU B 130 26.24 -34.29 -17.28
N SER B 131 27.29 -33.48 -17.35
CA SER B 131 28.00 -33.03 -16.15
C SER B 131 27.12 -32.09 -15.33
N PHE B 132 27.43 -31.96 -14.05
CA PHE B 132 26.68 -31.10 -13.14
C PHE B 132 26.45 -29.72 -13.76
N LEU B 133 27.52 -29.10 -14.25
CA LEU B 133 27.44 -27.78 -14.86
C LEU B 133 26.43 -27.71 -16.01
N ASP B 134 26.54 -28.64 -16.95
CA ASP B 134 25.63 -28.68 -18.11
C ASP B 134 24.17 -28.74 -17.68
N LEU B 135 23.92 -29.39 -16.55
CA LEU B 135 22.57 -29.53 -16.04
C LEU B 135 22.10 -28.18 -15.49
N ILE B 136 22.98 -27.54 -14.74
CA ILE B 136 22.69 -26.24 -14.16
C ILE B 136 22.32 -25.23 -15.25
N GLN B 137 23.00 -25.33 -16.39
CA GLN B 137 22.80 -24.42 -17.50
C GLN B 137 21.44 -24.66 -18.16
N GLU B 138 21.01 -25.91 -18.17
CA GLU B 138 19.71 -26.25 -18.74
C GLU B 138 18.60 -25.92 -17.74
N GLY B 139 18.89 -26.12 -16.46
CA GLY B 139 17.94 -25.78 -15.42
C GLY B 139 17.68 -24.29 -15.40
N ASN B 140 18.75 -23.51 -15.38
CA ASN B 140 18.65 -22.05 -15.32
C ASN B 140 17.80 -21.48 -16.44
N GLN B 141 18.01 -21.99 -17.65
CA GLN B 141 17.21 -21.56 -18.78
C GLN B 141 15.78 -22.04 -18.59
N GLY B 142 15.62 -23.16 -17.90
CA GLY B 142 14.31 -23.61 -17.49
C GLY B 142 13.68 -22.66 -16.48
N LEU B 143 14.52 -22.06 -15.63
CA LEU B 143 14.05 -21.09 -14.65
C LEU B 143 13.67 -19.79 -15.34
N ILE B 144 14.46 -19.42 -16.36
CA ILE B 144 14.16 -18.25 -17.16
C ILE B 144 12.82 -18.38 -17.87
N ARG B 145 12.62 -19.48 -18.58
CA ARG B 145 11.34 -19.72 -19.23
C ARG B 145 10.18 -19.66 -18.23
N ALA B 146 10.46 -20.01 -16.98
CA ALA B 146 9.43 -20.07 -15.95
C ALA B 146 8.98 -18.67 -15.51
N VAL B 147 9.95 -17.86 -15.12
CA VAL B 147 9.66 -16.49 -14.70
C VAL B 147 8.91 -15.73 -15.81
N GLU B 148 9.18 -16.10 -17.05
CA GLU B 148 8.56 -15.42 -18.20
C GLU B 148 7.11 -15.84 -18.43
N LYS B 149 6.85 -17.15 -18.44
CA LYS B 149 5.52 -17.66 -18.77
C LYS B 149 4.56 -17.62 -17.58
N PHE B 150 5.03 -17.12 -16.44
CA PHE B 150 4.23 -17.15 -15.22
C PHE B 150 3.13 -16.08 -15.18
N GLU B 151 1.96 -16.47 -14.69
CA GLU B 151 0.83 -15.57 -14.50
C GLU B 151 0.64 -15.20 -13.03
N TYR B 152 1.16 -14.04 -12.66
CA TYR B 152 1.06 -13.55 -11.28
C TYR B 152 -0.40 -13.36 -10.87
N LYS B 153 -1.26 -13.21 -11.87
CA LYS B 153 -2.68 -12.91 -11.64
C LYS B 153 -3.48 -14.10 -11.11
N ARG B 154 -2.79 -15.13 -10.63
CA ARG B 154 -3.49 -16.26 -10.01
C ARG B 154 -2.80 -16.81 -8.75
N GLY B 155 -3.62 -17.32 -7.83
CA GLY B 155 -3.15 -17.79 -6.54
C GLY B 155 -2.38 -19.10 -6.55
N PHE B 156 -1.36 -19.19 -7.41
CA PHE B 156 -0.49 -20.34 -7.44
C PHE B 156 0.93 -19.96 -7.04
N ALA B 157 1.67 -20.91 -6.48
CA ALA B 157 3.02 -20.66 -6.00
C ALA B 157 4.03 -20.66 -7.15
N PHE B 158 5.05 -19.83 -7.06
CA PHE B 158 6.06 -19.81 -8.12
C PHE B 158 7.01 -21.00 -8.04
N SER B 159 7.41 -21.36 -6.82
CA SER B 159 8.35 -22.45 -6.61
C SER B 159 7.85 -23.74 -7.25
N THR B 160 6.54 -23.94 -7.19
CA THR B 160 5.93 -25.16 -7.73
C THR B 160 5.95 -25.15 -9.25
N TYR B 161 5.41 -24.08 -9.83
CA TYR B 161 5.43 -23.87 -11.27
C TYR B 161 6.86 -24.03 -11.80
N ALA B 162 7.75 -23.15 -11.34
CA ALA B 162 9.14 -23.14 -11.75
C ALA B 162 9.76 -24.55 -11.79
N THR B 163 9.52 -25.34 -10.76
CA THR B 163 10.08 -26.69 -10.69
C THR B 163 9.84 -27.43 -12.00
N TRP B 164 8.60 -27.42 -12.46
CA TRP B 164 8.26 -28.13 -13.69
C TRP B 164 9.18 -27.73 -14.83
N TRP B 165 9.28 -26.42 -15.08
CA TRP B 165 10.08 -25.92 -16.19
C TRP B 165 11.55 -26.33 -16.10
N ILE B 166 12.12 -26.13 -14.93
CA ILE B 166 13.48 -26.55 -14.64
C ILE B 166 13.61 -28.04 -14.95
N ARG B 167 12.60 -28.79 -14.53
CA ARG B 167 12.55 -30.23 -14.70
C ARG B 167 12.65 -30.63 -16.18
N GLN B 168 11.57 -30.43 -16.92
CA GLN B 168 11.52 -30.90 -18.30
C GLN B 168 12.51 -30.20 -19.23
N ALA B 169 13.11 -29.12 -18.74
CA ALA B 169 14.17 -28.46 -19.50
C ALA B 169 15.46 -29.28 -19.37
N ILE B 170 15.72 -29.75 -18.16
CA ILE B 170 16.85 -30.63 -17.89
C ILE B 170 16.72 -31.95 -18.65
N ASN B 171 15.59 -32.64 -18.45
CA ASN B 171 15.37 -33.93 -19.10
C ASN B 171 14.99 -33.83 -20.59
N ARG B 172 14.91 -32.61 -21.11
CA ARG B 172 14.81 -32.38 -22.55
C ARG B 172 16.22 -32.26 -23.09
N ALA B 173 17.12 -31.78 -22.23
CA ALA B 173 18.51 -31.59 -22.60
C ALA B 173 19.27 -32.92 -22.61
N ILE B 174 18.84 -33.84 -21.76
CA ILE B 174 19.41 -35.19 -21.73
C ILE B 174 18.59 -36.12 -22.63
N ALA B 175 17.58 -35.54 -23.30
CA ALA B 175 16.81 -36.27 -24.28
C ALA B 175 17.21 -35.79 -25.66
N ASP B 176 18.20 -34.89 -25.70
CA ASP B 176 18.68 -34.35 -26.97
C ASP B 176 19.97 -35.05 -27.39
N GLN B 177 20.09 -36.32 -27.02
CA GLN B 177 21.22 -37.13 -27.48
C GLN B 177 20.76 -38.47 -28.02
S SO4 C . -10.50 -0.38 16.01
O1 SO4 C . -9.08 -0.67 16.12
O2 SO4 C . -10.67 0.95 15.43
O3 SO4 C . -11.14 -1.38 15.16
O4 SO4 C . -11.11 -0.40 17.34
S SO4 D . -21.99 23.83 11.88
O1 SO4 D . -22.28 25.25 11.72
O2 SO4 D . -20.91 23.67 12.84
O3 SO4 D . -23.14 23.12 12.44
O4 SO4 D . -21.67 23.26 10.55
S SO4 E . -25.17 4.07 12.93
O1 SO4 E . -23.93 4.73 13.33
O2 SO4 E . -24.95 2.81 12.22
O3 SO4 E . -25.92 3.80 14.16
O4 SO4 E . -25.91 4.96 12.02
S SO4 F . 21.18 -8.13 -5.46
O1 SO4 F . 22.38 -7.38 -5.02
O2 SO4 F . 21.52 -9.53 -5.64
O3 SO4 F . 20.13 -8.05 -4.45
O4 SO4 F . 20.71 -7.56 -6.72
#